data_7JVF
#
_entry.id   7JVF
#
_entity_poly.entity_id   1
_entity_poly.type   'polypeptide(L)'
_entity_poly.pdbx_seq_one_letter_code
;AGG(DBU)IP(DAL)LM(DBB)GCGWL(DBU)GLCVR
;
_entity_poly.pdbx_strand_id   A
#
# COMPACT_ATOMS: atom_id res chain seq x y z
N ALA A 1 -12.43 0.76 3.13
CA ALA A 1 -13.09 0.35 1.85
C ALA A 1 -12.51 1.15 0.70
N GLY A 2 -12.00 2.33 1.00
CA GLY A 2 -11.41 3.19 -0.03
C GLY A 2 -10.19 2.53 -0.65
N GLY A 3 -9.41 1.82 0.17
CA GLY A 3 -8.21 1.15 -0.31
C GLY A 3 -7.00 2.07 -0.25
N DBU A 4 -7.20 3.28 0.26
CA DBU A 4 -6.17 4.24 0.38
CB DBU A 4 -5.64 5.12 -0.56
CG DBU A 4 -6.13 5.21 -1.98
C DBU A 4 -5.60 4.24 1.77
O DBU A 4 -6.15 4.89 2.65
H DBU A 4 -8.11 3.54 0.57
HB DBU A 4 -4.84 5.78 -0.26
HG1 DBU A 4 -5.35 5.60 -2.62
HG2 DBU A 4 -7.00 5.85 -2.03
HG3 DBU A 4 -6.40 4.22 -2.32
N ILE A 5 -4.49 3.52 1.96
CA ILE A 5 -3.83 3.44 3.26
C ILE A 5 -3.17 2.09 3.46
N PRO A 6 -3.84 1.04 3.08
CA PRO A 6 -3.33 -0.36 3.24
C PRO A 6 -2.07 -0.57 2.43
N DAL A 7 -1.62 0.49 1.77
CA DAL A 7 -0.42 0.45 0.95
CB DAL A 7 0.83 0.60 1.84
C DAL A 7 -0.42 1.56 -0.08
O DAL A 7 0.56 1.79 -0.79
H DAL A 7 -2.11 1.34 1.83
HA DAL A 7 -0.37 -0.51 0.46
HB1 DAL A 7 1.29 1.54 1.61
HB2 DAL A 7 1.52 -0.21 1.63
N LEU A 8 -1.52 2.29 -0.17
CA LEU A 8 -1.61 3.39 -1.10
C LEU A 8 -0.61 4.47 -0.69
N MET A 9 -0.48 4.66 0.62
CA MET A 9 0.44 5.65 1.17
C MET A 9 1.89 5.30 0.83
N DBB A 10 2.24 4.02 0.94
CA DBB A 10 3.60 3.58 0.64
C DBB A 10 4.26 2.95 1.84
O DBB A 10 5.48 3.00 2.00
CB DBB A 10 3.56 2.57 -0.51
CG DBB A 10 3.15 1.18 0.03
H DBB A 10 1.57 3.37 1.24
HA DBB A 10 4.17 4.43 0.33
HB2 DBB A 10 2.82 2.87 -1.21
HG1 DBB A 10 3.59 0.42 -0.59
HG2 DBB A 10 2.09 1.09 0.01
HG3 DBB A 10 3.51 1.06 1.03
N GLY A 11 3.45 2.33 2.70
CA GLY A 11 3.97 1.68 3.88
C GLY A 11 2.98 0.66 4.43
N CYS A 12 2.89 -0.49 3.77
CA CYS A 12 1.97 -1.54 4.21
C CYS A 12 2.33 -2.89 3.59
N GLY A 13 1.32 -3.74 3.50
CA GLY A 13 1.48 -5.08 2.93
C GLY A 13 0.35 -5.36 1.93
N TRP A 14 -0.32 -4.30 1.50
CA TRP A 14 -1.42 -4.41 0.56
C TRP A 14 -1.12 -5.46 -0.51
N LEU A 15 -0.89 -5.02 -1.73
CA LEU A 15 -0.61 -5.92 -2.83
C LEU A 15 0.88 -5.93 -3.15
N DBU A 16 1.54 -4.82 -2.87
CA DBU A 16 2.92 -4.68 -3.11
CB DBU A 16 3.57 -4.05 -4.18
CG DBU A 16 2.88 -3.38 -5.34
C DBU A 16 3.72 -5.33 -2.00
O DBU A 16 4.38 -6.33 -2.19
H DBU A 16 1.07 -4.04 -2.48
HB DBU A 16 4.66 -4.05 -4.20
HG1 DBU A 16 2.00 -2.86 -4.97
HG2 DBU A 16 2.59 -4.12 -6.06
HG3 DBU A 16 3.55 -2.67 -5.79
N GLY A 17 3.64 -4.73 -0.81
CA GLY A 17 4.35 -5.27 0.34
C GLY A 17 5.38 -4.27 0.86
N LEU A 18 6.36 -3.93 0.01
CA LEU A 18 7.40 -2.99 0.39
C LEU A 18 7.27 -1.69 -0.39
N CYS A 19 6.02 -1.30 -0.67
CA CYS A 19 5.77 -0.08 -1.43
C CYS A 19 6.76 0.05 -2.59
N VAL A 20 6.40 -0.56 -3.71
CA VAL A 20 7.23 -0.51 -4.90
C VAL A 20 6.58 0.35 -5.98
N ARG A 21 5.38 0.85 -5.68
CA ARG A 21 4.65 1.69 -6.62
C ARG A 21 5.35 3.03 -6.79
N ALA A 1 -12.68 -0.87 4.43
CA ALA A 1 -12.03 -1.12 3.12
C ALA A 1 -12.02 0.18 2.30
N GLY A 2 -11.25 1.16 2.77
CA GLY A 2 -11.17 2.44 2.08
C GLY A 2 -10.55 2.26 0.69
N GLY A 3 -9.56 1.37 0.59
CA GLY A 3 -8.90 1.13 -0.68
C GLY A 3 -7.66 2.01 -0.83
N DBU A 4 -7.42 2.85 0.16
CA DBU A 4 -6.30 3.73 0.16
CB DBU A 4 -5.70 4.40 -0.91
CG DBU A 4 -6.13 4.31 -2.35
C DBU A 4 -5.77 3.90 1.56
O DBU A 4 -6.40 4.58 2.37
H DBU A 4 -8.01 2.88 0.95
HB DBU A 4 -4.84 5.03 -0.70
HG1 DBU A 4 -7.15 3.94 -2.39
HG2 DBU A 4 -5.48 3.64 -2.89
HG3 DBU A 4 -6.08 5.29 -2.80
N ILE A 5 -4.62 3.28 1.84
CA ILE A 5 -3.99 3.38 3.16
C ILE A 5 -3.27 2.07 3.51
N PRO A 6 -3.89 0.95 3.21
CA PRO A 6 -3.30 -0.40 3.50
C PRO A 6 -1.97 -0.61 2.77
N DAL A 7 -1.45 0.46 2.21
CA DAL A 7 -0.18 0.42 1.50
CB DAL A 7 0.91 0.98 2.39
C DAL A 7 -0.25 1.26 0.24
O DAL A 7 0.69 1.30 -0.55
H DAL A 7 -1.91 1.32 2.30
HA DAL A 7 0.06 -0.60 1.25
HB1 DAL A 7 0.98 2.04 2.25
HB2 DAL A 7 1.85 0.52 2.14
N LEU A 8 -1.37 1.95 0.07
CA LEU A 8 -1.54 2.82 -1.08
C LEU A 8 -0.67 4.05 -0.89
N MET A 9 -0.61 4.50 0.36
CA MET A 9 0.18 5.67 0.72
C MET A 9 1.66 5.39 0.47
N DBB A 10 2.11 4.20 0.86
CA DBB A 10 3.50 3.82 0.67
C DBB A 10 4.17 3.42 1.98
O DBB A 10 5.25 3.92 2.32
CB DBB A 10 3.58 2.65 -0.34
CG DBB A 10 2.45 2.81 -1.35
H DBB A 10 1.49 3.57 1.27
HA DBB A 10 4.04 4.66 0.25
HB2 DBB A 10 4.51 2.68 -0.86
HG1 DBB A 10 2.71 3.56 -2.07
HG2 DBB A 10 1.54 3.09 -0.85
HG3 DBB A 10 2.30 1.86 -1.86
N GLY A 11 3.54 2.52 2.72
CA GLY A 11 4.09 2.07 3.99
C GLY A 11 3.30 0.89 4.55
N CYS A 12 3.13 -0.15 3.73
CA CYS A 12 2.39 -1.34 4.14
C CYS A 12 2.75 -2.54 3.29
N GLY A 13 1.83 -3.48 3.26
CA GLY A 13 1.99 -4.69 2.47
C GLY A 13 0.80 -4.82 1.52
N TRP A 14 0.02 -3.74 1.45
CA TRP A 14 -1.15 -3.70 0.60
C TRP A 14 -1.12 -4.83 -0.44
N LEU A 15 -0.82 -4.49 -1.68
CA LEU A 15 -0.76 -5.48 -2.75
C LEU A 15 0.69 -5.76 -3.13
N DBU A 16 1.54 -4.75 -2.90
CA DBU A 16 2.93 -4.80 -3.18
CB DBU A 16 3.61 -4.26 -4.27
CG DBU A 16 2.98 -3.49 -5.40
C DBU A 16 3.67 -5.55 -2.10
O DBU A 16 4.49 -6.43 -2.37
H DBU A 16 1.22 -3.91 -2.53
HB DBU A 16 4.68 -4.38 -4.33
HG1 DBU A 16 1.98 -3.86 -5.59
HG2 DBU A 16 3.58 -3.61 -6.30
HG3 DBU A 16 2.92 -2.44 -5.14
N GLY A 17 3.38 -5.21 -0.85
CA GLY A 17 4.03 -5.87 0.29
C GLY A 17 4.99 -4.90 0.98
N LEU A 18 5.93 -4.35 0.21
CA LEU A 18 6.90 -3.41 0.76
C LEU A 18 6.57 -2.00 0.28
N CYS A 19 5.45 -1.88 -0.43
CA CYS A 19 5.03 -0.58 -0.95
C CYS A 19 5.90 -0.18 -2.13
N VAL A 20 5.86 -1.01 -3.17
CA VAL A 20 6.64 -0.76 -4.38
C VAL A 20 6.20 0.54 -5.04
N ARG A 21 4.89 0.72 -5.16
CA ARG A 21 4.35 1.93 -5.78
C ARG A 21 3.95 2.95 -4.72
N ALA A 1 -8.50 -2.61 -2.17
CA ALA A 1 -8.51 -1.78 -3.41
C ALA A 1 -9.33 -0.51 -3.15
N GLY A 2 -8.68 0.64 -3.29
CA GLY A 2 -9.35 1.91 -3.08
C GLY A 2 -9.43 2.23 -1.58
N GLY A 3 -8.64 1.52 -0.79
CA GLY A 3 -8.64 1.74 0.65
C GLY A 3 -7.73 2.90 1.03
N DBU A 4 -6.98 3.40 0.05
CA DBU A 4 -6.09 4.48 0.28
CB DBU A 4 -5.65 5.50 -0.57
CG DBU A 4 -6.05 5.66 -2.02
C DBU A 4 -5.60 4.44 1.71
O DBU A 4 -6.18 5.10 2.56
H DBU A 4 -7.03 3.03 -0.86
HB DBU A 4 -4.96 6.23 -0.18
HG1 DBU A 4 -6.91 5.04 -2.23
HG2 DBU A 4 -5.23 5.36 -2.65
HG3 DBU A 4 -6.30 6.69 -2.21
N ILE A 5 -4.54 3.68 1.96
CA ILE A 5 -3.96 3.56 3.30
C ILE A 5 -3.35 2.17 3.49
N PRO A 6 -4.01 1.15 3.02
CA PRO A 6 -3.54 -0.25 3.17
C PRO A 6 -2.16 -0.44 2.56
N DAL A 7 -1.69 0.60 1.89
CA DAL A 7 -0.38 0.56 1.24
CB DAL A 7 0.70 1.07 2.19
C DAL A 7 -0.37 1.43 -0.02
O DAL A 7 0.60 1.43 -0.78
H DAL A 7 -2.23 1.41 1.82
HA DAL A 7 -0.15 -0.46 0.96
HB1 DAL A 7 0.85 2.12 2.01
HB2 DAL A 7 1.62 0.54 2.00
N LEU A 8 -1.44 2.18 -0.23
CA LEU A 8 -1.51 3.06 -1.38
C LEU A 8 -0.76 4.35 -1.08
N MET A 9 -0.32 4.45 0.16
CA MET A 9 0.42 5.63 0.61
C MET A 9 1.93 5.38 0.55
N DBB A 10 2.34 4.19 0.97
CA DBB A 10 3.76 3.83 0.97
C DBB A 10 4.21 3.46 2.37
O DBB A 10 5.20 4.00 2.88
CB DBB A 10 4.03 2.66 0.03
CG DBB A 10 3.13 1.49 0.45
H DBB A 10 1.69 3.53 1.30
HA DBB A 10 4.33 4.69 0.64
HB2 DBB A 10 3.74 2.95 -0.95
HG1 DBB A 10 3.19 0.71 -0.29
HG2 DBB A 10 2.11 1.84 0.52
HG3 DBB A 10 3.45 1.11 1.41
N GLY A 11 3.49 2.53 2.98
CA GLY A 11 3.83 2.09 4.32
C GLY A 11 2.87 1.01 4.80
N CYS A 12 2.84 -0.11 4.07
CA CYS A 12 1.96 -1.22 4.43
C CYS A 12 2.43 -2.51 3.79
N GLY A 13 1.46 -3.38 3.54
CA GLY A 13 1.71 -4.67 2.90
C GLY A 13 0.68 -4.90 1.82
N TRP A 14 -0.20 -3.91 1.66
CA TRP A 14 -1.27 -3.95 0.67
C TRP A 14 -1.05 -5.06 -0.36
N LEU A 15 -0.80 -4.66 -1.61
CA LEU A 15 -0.60 -5.62 -2.69
C LEU A 15 0.89 -5.71 -3.03
N DBU A 16 1.61 -4.61 -2.79
CA DBU A 16 2.99 -4.53 -3.04
CB DBU A 16 3.67 -3.88 -4.08
CG DBU A 16 3.02 -3.11 -5.20
C DBU A 16 3.74 -5.29 -1.97
O DBU A 16 4.44 -6.26 -2.25
H DBU A 16 1.17 -3.80 -2.43
HB DBU A 16 4.75 -3.94 -4.11
HG1 DBU A 16 3.06 -2.06 -4.96
HG2 DBU A 16 1.99 -3.42 -5.31
HG3 DBU A 16 3.55 -3.29 -6.12
N GLY A 17 3.59 -4.83 -0.73
CA GLY A 17 4.26 -5.48 0.39
C GLY A 17 5.37 -4.60 0.95
N LEU A 18 6.32 -4.24 0.09
CA LEU A 18 7.45 -3.42 0.51
C LEU A 18 7.20 -1.94 0.19
N CYS A 19 6.01 -1.64 -0.33
CA CYS A 19 5.67 -0.26 -0.67
C CYS A 19 6.52 0.23 -1.84
N VAL A 20 6.34 -0.40 -3.00
CA VAL A 20 7.08 -0.02 -4.18
C VAL A 20 6.75 1.41 -4.61
N ARG A 21 5.46 1.76 -4.55
CA ARG A 21 5.04 3.10 -4.93
C ARG A 21 5.46 4.11 -3.87
N ALA A 1 -9.99 -3.48 -0.27
CA ALA A 1 -8.78 -2.66 -0.52
C ALA A 1 -9.12 -1.53 -1.49
N GLY A 2 -8.19 -0.60 -1.67
CA GLY A 2 -8.40 0.51 -2.58
C GLY A 2 -8.92 1.74 -1.82
N GLY A 3 -9.16 1.58 -0.53
CA GLY A 3 -9.66 2.68 0.29
C GLY A 3 -8.64 3.81 0.36
N DBU A 4 -7.36 3.44 0.44
CA DBU A 4 -6.32 4.39 0.51
CB DBU A 4 -5.83 5.27 -0.46
CG DBU A 4 -6.37 5.37 -1.86
C DBU A 4 -5.71 4.38 1.89
O DBU A 4 -6.21 5.05 2.79
H DBU A 4 -7.13 2.50 0.45
HB DBU A 4 -5.00 5.92 -0.20
HG1 DBU A 4 -6.76 6.35 -2.03
HG2 DBU A 4 -7.15 4.64 -2.00
HG3 DBU A 4 -5.57 5.17 -2.57
N ILE A 5 -4.63 3.60 2.05
CA ILE A 5 -3.94 3.50 3.33
C ILE A 5 -3.33 2.11 3.51
N PRO A 6 -4.00 1.09 3.08
CA PRO A 6 -3.52 -0.31 3.20
C PRO A 6 -2.18 -0.49 2.51
N DAL A 7 -1.73 0.57 1.85
CA DAL A 7 -0.45 0.54 1.15
CB DAL A 7 0.67 1.03 2.07
C DAL A 7 -0.48 1.43 -0.09
O DAL A 7 0.47 1.47 -0.86
H DAL A 7 -2.25 1.39 1.86
HA DAL A 7 -0.23 -0.48 0.85
HB1 DAL A 7 0.85 2.08 1.87
HB2 DAL A 7 1.57 0.47 1.86
N LEU A 8 -1.57 2.17 -0.25
CA LEU A 8 -1.70 3.07 -1.39
C LEU A 8 -0.94 4.35 -1.10
N MET A 9 -0.44 4.45 0.13
CA MET A 9 0.31 5.62 0.56
C MET A 9 1.81 5.36 0.41
N DBB A 10 2.24 4.15 0.77
CA DBB A 10 3.65 3.77 0.67
C DBB A 10 4.17 3.34 2.03
O DBB A 10 5.27 3.74 2.43
CB DBB A 10 3.83 2.64 -0.34
CG DBB A 10 3.18 1.37 0.21
H DBB A 10 1.59 3.50 1.11
HA DBB A 10 4.21 4.63 0.33
HB2 DBB A 10 3.29 2.91 -1.22
HG1 DBB A 10 3.62 1.11 1.17
HG2 DBB A 10 3.32 0.56 -0.47
HG3 DBB A 10 2.12 1.55 0.34
N GLY A 11 3.41 2.51 2.72
CA GLY A 11 3.82 2.02 4.02
C GLY A 11 2.88 0.96 4.55
N CYS A 12 2.80 -0.16 3.85
CA CYS A 12 1.93 -1.25 4.26
C CYS A 12 2.34 -2.56 3.61
N GLY A 13 1.36 -3.43 3.44
CA GLY A 13 1.56 -4.72 2.81
C GLY A 13 0.52 -4.94 1.73
N TRP A 14 -0.33 -3.93 1.55
CA TRP A 14 -1.39 -3.97 0.55
C TRP A 14 -1.14 -5.06 -0.49
N LEU A 15 -0.80 -4.66 -1.70
CA LEU A 15 -0.55 -5.61 -2.78
C LEU A 15 0.93 -5.69 -3.09
N DBU A 16 1.64 -4.58 -2.86
CA DBU A 16 3.03 -4.47 -3.07
CB DBU A 16 3.71 -3.82 -4.10
CG DBU A 16 3.07 -3.06 -5.24
C DBU A 16 3.77 -5.20 -1.99
O DBU A 16 4.47 -6.18 -2.23
H DBU A 16 1.20 -3.78 -2.50
HB DBU A 16 4.80 -3.84 -4.11
HG1 DBU A 16 2.03 -2.86 -4.99
HG2 DBU A 16 3.11 -3.66 -6.14
HG3 DBU A 16 3.58 -2.13 -5.39
N GLY A 17 3.63 -4.71 -0.76
CA GLY A 17 4.29 -5.33 0.38
C GLY A 17 5.29 -4.37 1.03
N LEU A 18 6.31 -4.00 0.27
CA LEU A 18 7.34 -3.09 0.78
C LEU A 18 7.16 -1.69 0.22
N CYS A 19 6.06 -1.47 -0.49
CA CYS A 19 5.78 -0.16 -1.08
C CYS A 19 6.70 0.08 -2.27
N VAL A 20 6.68 -0.84 -3.22
CA VAL A 20 7.51 -0.72 -4.41
C VAL A 20 7.11 0.51 -5.21
N ARG A 21 5.79 0.69 -5.39
CA ARG A 21 5.29 1.83 -6.14
C ARG A 21 5.73 3.14 -5.49
N ALA A 1 -8.74 -3.44 -3.32
CA ALA A 1 -8.11 -4.07 -2.13
C ALA A 1 -7.81 -3.01 -1.08
N GLY A 2 -7.25 -1.89 -1.53
CA GLY A 2 -6.92 -0.80 -0.62
C GLY A 2 -7.58 0.50 -1.07
N GLY A 3 -8.24 1.18 -0.14
CA GLY A 3 -8.91 2.43 -0.45
C GLY A 3 -7.97 3.62 -0.26
N DBU A 4 -6.80 3.36 0.29
CA DBU A 4 -5.85 4.38 0.52
CB DBU A 4 -5.34 5.36 -0.33
CG DBU A 4 -5.76 5.53 -1.77
C DBU A 4 -5.34 4.32 1.94
O DBU A 4 -5.88 5.00 2.81
H DBU A 4 -6.57 2.44 0.55
HB DBU A 4 -4.61 6.05 0.06
HG1 DBU A 4 -6.56 6.25 -1.84
HG2 DBU A 4 -6.09 4.59 -2.16
HG3 DBU A 4 -4.92 5.88 -2.35
N ILE A 5 -4.30 3.53 2.16
CA ILE A 5 -3.70 3.40 3.49
C ILE A 5 -3.08 2.02 3.67
N PRO A 6 -3.77 0.99 3.26
CA PRO A 6 -3.27 -0.41 3.40
C PRO A 6 -2.03 -0.65 2.56
N DAL A 7 -1.58 0.42 1.90
CA DAL A 7 -0.39 0.34 1.05
CB DAL A 7 0.87 0.42 1.91
C DAL A 7 -0.36 1.49 0.05
O DAL A 7 0.64 1.71 -0.62
H DAL A 7 -2.06 1.27 1.99
HA DAL A 7 -0.40 -0.59 0.52
HB1 DAL A 7 1.38 1.34 1.70
HB2 DAL A 7 1.52 -0.41 1.67
N LEU A 8 -1.44 2.24 -0.01
CA LEU A 8 -1.50 3.38 -0.90
C LEU A 8 -0.45 4.40 -0.46
N MET A 9 -0.31 4.52 0.86
CA MET A 9 0.63 5.46 1.45
C MET A 9 2.06 5.09 1.05
N DBB A 10 2.36 3.80 1.06
CA DBB A 10 3.69 3.33 0.70
C DBB A 10 4.40 2.64 1.86
O DBB A 10 5.62 2.68 1.97
CB DBB A 10 3.60 2.37 -0.49
CG DBB A 10 3.27 0.95 0.02
H DBB A 10 1.69 3.15 1.32
HA DBB A 10 4.29 4.18 0.39
HB2 DBB A 10 2.79 2.68 -1.12
HG1 DBB A 10 3.76 0.77 0.96
HG2 DBB A 10 3.61 0.23 -0.70
HG3 DBB A 10 2.21 0.86 0.14
N GLY A 11 3.60 2.01 2.70
CA GLY A 11 4.16 1.30 3.84
C GLY A 11 3.14 0.35 4.45
N CYS A 12 2.96 -0.80 3.80
CA CYS A 12 2.00 -1.79 4.29
C CYS A 12 2.32 -3.17 3.72
N GLY A 13 1.27 -3.97 3.57
CA GLY A 13 1.39 -5.32 3.04
C GLY A 13 0.30 -5.56 2.01
N TRP A 14 -0.28 -4.48 1.53
CA TRP A 14 -1.37 -4.56 0.56
C TRP A 14 -1.04 -5.52 -0.58
N LEU A 15 -0.89 -4.99 -1.78
CA LEU A 15 -0.60 -5.81 -2.96
C LEU A 15 0.89 -5.81 -3.25
N DBU A 16 1.57 -4.73 -2.84
CA DBU A 16 2.95 -4.58 -3.03
CB DBU A 16 3.64 -3.95 -4.09
CG DBU A 16 2.97 -3.28 -5.26
C DBU A 16 3.70 -5.22 -1.89
O DBU A 16 4.33 -6.28 -2.02
H DBU A 16 1.11 -4.01 -2.37
HB DBU A 16 4.72 -3.94 -4.06
HG1 DBU A 16 2.14 -2.70 -4.92
HG2 DBU A 16 2.62 -4.04 -5.96
HG3 DBU A 16 3.68 -2.64 -5.76
N GLY A 17 3.65 -4.55 -0.74
CA GLY A 17 4.31 -5.05 0.45
C GLY A 17 5.34 -4.05 0.95
N LEU A 18 6.35 -3.78 0.13
CA LEU A 18 7.40 -2.83 0.51
C LEU A 18 7.19 -1.47 -0.17
N CYS A 19 6.12 -1.39 -0.97
CA CYS A 19 5.82 -0.14 -1.67
C CYS A 19 6.72 0.04 -2.88
N VAL A 20 6.29 -0.49 -4.01
CA VAL A 20 7.06 -0.37 -5.24
C VAL A 20 6.43 0.66 -6.17
N ARG A 21 5.19 1.03 -5.88
CA ARG A 21 4.49 2.02 -6.70
C ARG A 21 5.33 3.28 -6.85
N ALA A 1 -7.89 -2.42 -1.99
CA ALA A 1 -9.26 -1.95 -2.33
C ALA A 1 -9.71 -0.91 -1.31
N GLY A 2 -8.78 -0.53 -0.43
CA GLY A 2 -9.09 0.47 0.59
C GLY A 2 -9.39 1.82 -0.05
N GLY A 3 -8.73 2.10 -1.17
CA GLY A 3 -8.93 3.36 -1.87
C GLY A 3 -7.95 4.42 -1.38
N DBU A 4 -6.99 3.99 -0.56
CA DBU A 4 -6.03 4.88 -0.04
CB DBU A 4 -5.33 5.90 -0.70
CG DBU A 4 -5.44 6.29 -2.15
C DBU A 4 -5.77 4.65 1.42
O DBU A 4 -6.49 5.20 2.26
H DBU A 4 -6.95 3.04 -0.30
HB DBU A 4 -4.63 6.48 -0.11
HG1 DBU A 4 -5.84 7.29 -2.22
HG2 DBU A 4 -6.10 5.60 -2.65
HG3 DBU A 4 -4.46 6.26 -2.60
N ILE A 5 -4.74 3.86 1.73
CA ILE A 5 -4.38 3.57 3.12
C ILE A 5 -3.76 2.17 3.23
N PRO A 6 -4.36 1.20 2.60
CA PRO A 6 -3.87 -0.20 2.65
C PRO A 6 -2.45 -0.30 2.17
N DAL A 7 -2.10 0.52 1.19
CA DAL A 7 -0.77 0.50 0.62
CB DAL A 7 0.26 0.48 1.74
C DAL A 7 -0.50 1.68 -0.32
O DAL A 7 0.60 1.81 -0.85
H DAL A 7 -2.77 1.13 0.83
HA DAL A 7 -0.67 -0.40 0.06
HB1 DAL A 7 -0.17 0.89 2.64
HB2 DAL A 7 1.11 1.07 1.44
N LEU A 8 -1.50 2.53 -0.53
CA LEU A 8 -1.30 3.67 -1.41
C LEU A 8 -0.50 4.73 -0.67
N MET A 9 -0.45 4.59 0.65
CA MET A 9 0.26 5.52 1.49
C MET A 9 1.75 5.45 1.19
N DBB A 10 2.24 4.24 0.97
CA DBB A 10 3.65 4.04 0.65
C DBB A 10 4.41 3.47 1.84
O DBB A 10 5.39 4.08 2.29
CB DBB A 10 3.79 3.10 -0.55
CG DBB A 10 3.09 1.78 -0.22
H DBB A 10 1.64 3.46 1.01
HA DBB A 10 4.08 4.99 0.38
HB2 DBB A 10 3.25 3.53 -1.37
HG1 DBB A 10 2.20 1.98 0.36
HG2 DBB A 10 3.75 1.15 0.37
HG3 DBB A 10 2.82 1.27 -1.12
N GLY A 11 3.99 2.32 2.34
CA GLY A 11 4.67 1.73 3.47
C GLY A 11 3.82 0.69 4.20
N CYS A 12 3.34 -0.29 3.45
CA CYS A 12 2.51 -1.35 4.04
C CYS A 12 2.84 -2.69 3.42
N GLY A 13 1.84 -3.57 3.43
CA GLY A 13 1.99 -4.89 2.84
C GLY A 13 0.86 -5.13 1.85
N TRP A 14 -0.02 -4.13 1.75
CA TRP A 14 -1.17 -4.19 0.85
C TRP A 14 -1.03 -5.34 -0.16
N LEU A 15 -0.79 -5.00 -1.42
CA LEU A 15 -0.65 -6.01 -2.46
C LEU A 15 0.83 -6.19 -2.81
N DBU A 16 1.61 -5.13 -2.59
CA DBU A 16 2.99 -5.11 -2.85
CB DBU A 16 3.67 -4.55 -3.95
CG DBU A 16 3.03 -3.85 -5.11
C DBU A 16 3.78 -5.79 -1.74
O DBU A 16 4.51 -6.73 -2.00
H DBU A 16 1.22 -4.30 -2.23
HB DBU A 16 4.75 -4.63 -3.98
HG1 DBU A 16 2.23 -4.46 -5.51
HG2 DBU A 16 3.77 -3.68 -5.88
HG3 DBU A 16 2.63 -2.90 -4.78
N GLY A 17 3.63 -5.31 -0.51
CA GLY A 17 4.35 -5.91 0.61
C GLY A 17 5.26 -4.89 1.29
N LEU A 18 5.75 -3.94 0.50
CA LEU A 18 6.63 -2.90 1.02
C LEU A 18 6.71 -1.74 0.04
N CYS A 19 5.71 -0.86 0.10
CA CYS A 19 5.65 0.30 -0.79
C CYS A 19 6.62 0.15 -1.96
N VAL A 20 6.35 -0.83 -2.81
CA VAL A 20 7.19 -1.06 -3.98
C VAL A 20 7.15 0.14 -4.92
N ARG A 21 5.94 0.65 -5.16
CA ARG A 21 5.76 1.79 -6.04
C ARG A 21 6.55 3.00 -5.52
N ALA A 1 -6.65 -2.30 -5.79
CA ALA A 1 -7.46 -1.06 -5.68
C ALA A 1 -7.69 -0.73 -4.21
N GLY A 2 -6.76 0.00 -3.61
CA GLY A 2 -6.87 0.37 -2.21
C GLY A 2 -7.67 1.67 -2.06
N GLY A 3 -8.28 1.85 -0.90
CA GLY A 3 -9.06 3.05 -0.63
C GLY A 3 -8.16 4.19 -0.15
N DBU A 4 -6.88 3.87 0.02
CA DBU A 4 -5.94 4.82 0.47
CB DBU A 4 -5.35 5.90 -0.21
CG DBU A 4 -5.61 6.31 -1.63
C DBU A 4 -5.56 4.56 1.90
O DBU A 4 -6.20 5.10 2.81
H DBU A 4 -6.56 2.97 -0.17
HB DBU A 4 -4.64 6.51 0.35
HG1 DBU A 4 -5.91 7.35 -1.66
HG2 DBU A 4 -6.40 5.69 -2.05
HG3 DBU A 4 -4.71 6.19 -2.21
N ILE A 5 -4.54 3.73 2.11
CA ILE A 5 -4.07 3.41 3.45
C ILE A 5 -3.46 2.01 3.50
N PRO A 6 -4.12 1.06 2.89
CA PRO A 6 -3.65 -0.35 2.88
C PRO A 6 -2.26 -0.46 2.29
N DAL A 7 -1.97 0.41 1.33
CA DAL A 7 -0.68 0.41 0.68
CB DAL A 7 0.40 0.33 1.73
C DAL A 7 -0.46 1.62 -0.22
O DAL A 7 0.64 1.84 -0.71
H DAL A 7 -2.65 1.06 1.04
HA DAL A 7 -0.62 -0.47 0.08
HB1 DAL A 7 0.02 0.69 2.67
HB2 DAL A 7 1.24 0.92 1.43
N LEU A 8 -1.51 2.41 -0.43
CA LEU A 8 -1.37 3.59 -1.28
C LEU A 8 -0.48 4.61 -0.59
N MET A 9 -0.40 4.48 0.73
CA MET A 9 0.41 5.38 1.54
C MET A 9 1.88 5.28 1.12
N DBB A 10 2.34 4.06 0.87
CA DBB A 10 3.72 3.85 0.45
C DBB A 10 4.55 3.26 1.59
O DBB A 10 5.58 3.82 1.95
CB DBB A 10 3.77 2.92 -0.75
CG DBB A 10 3.24 1.55 -0.34
H DBB A 10 1.73 3.29 0.95
HA DBB A 10 4.14 4.80 0.17
HB2 DBB A 10 3.11 3.31 -1.51
HG1 DBB A 10 4.01 1.01 0.20
HG2 DBB A 10 2.95 0.99 -1.21
HG3 DBB A 10 2.38 1.68 0.29
N GLY A 11 4.10 2.14 2.14
CA GLY A 11 4.84 1.53 3.22
C GLY A 11 4.02 0.48 3.98
N CYS A 12 3.54 -0.52 3.25
CA CYS A 12 2.75 -1.59 3.86
C CYS A 12 3.02 -2.92 3.19
N GLY A 13 2.01 -3.79 3.20
CA GLY A 13 2.11 -5.10 2.59
C GLY A 13 0.94 -5.31 1.64
N TRP A 14 0.05 -4.31 1.58
CA TRP A 14 -1.13 -4.36 0.73
C TRP A 14 -1.00 -5.45 -0.35
N LEU A 15 -0.79 -5.05 -1.59
CA LEU A 15 -0.66 -6.00 -2.68
C LEU A 15 0.75 -5.95 -3.26
N DBU A 16 1.42 -4.81 -3.06
CA DBU A 16 2.72 -4.58 -3.52
CB DBU A 16 3.14 -3.87 -4.65
CG DBU A 16 2.24 -3.18 -5.65
C DBU A 16 3.73 -5.23 -2.60
O DBU A 16 4.52 -6.06 -3.03
H DBU A 16 1.00 -4.07 -2.57
HB DBU A 16 4.20 -3.79 -4.86
HG1 DBU A 16 2.84 -2.65 -6.37
HG2 DBU A 16 1.59 -2.49 -5.13
HG3 DBU A 16 1.64 -3.93 -6.16
N GLY A 17 3.71 -4.86 -1.33
CA GLY A 17 4.64 -5.43 -0.36
C GLY A 17 5.87 -4.55 -0.19
N LEU A 18 5.80 -3.63 0.77
CA LEU A 18 6.92 -2.72 1.02
C LEU A 18 6.96 -1.62 -0.04
N CYS A 19 5.91 -0.83 -0.12
CA CYS A 19 5.83 0.26 -1.09
C CYS A 19 6.81 0.04 -2.24
N VAL A 20 6.35 -0.68 -3.26
CA VAL A 20 7.19 -0.96 -4.42
C VAL A 20 6.80 -0.07 -5.60
N ARG A 21 5.61 0.54 -5.50
CA ARG A 21 5.14 1.42 -6.57
C ARG A 21 5.81 2.79 -6.47
N ALA A 1 -10.58 -2.15 -0.74
CA ALA A 1 -11.52 -1.02 -1.02
C ALA A 1 -10.88 -0.07 -2.01
N GLY A 2 -9.60 0.23 -1.81
CA GLY A 2 -8.88 1.13 -2.70
C GLY A 2 -9.12 2.59 -2.32
N GLY A 3 -9.78 2.80 -1.18
CA GLY A 3 -10.06 4.15 -0.71
C GLY A 3 -8.78 4.90 -0.38
N DBU A 4 -7.80 4.19 0.17
CA DBU A 4 -6.56 4.73 0.53
CB DBU A 4 -5.81 5.70 -0.14
CG DBU A 4 -6.22 6.36 -1.43
C DBU A 4 -6.11 4.10 1.82
O DBU A 4 -6.94 3.77 2.67
H DBU A 4 -7.94 3.23 0.35
HB DBU A 4 -4.87 6.01 0.28
HG1 DBU A 4 -6.89 5.71 -1.98
HG2 DBU A 4 -5.35 6.57 -2.04
HG3 DBU A 4 -6.74 7.30 -1.22
N ILE A 5 -4.79 3.93 1.97
CA ILE A 5 -4.19 3.34 3.16
C ILE A 5 -3.62 1.94 2.88
N PRO A 6 -4.21 1.20 2.00
CA PRO A 6 -3.72 -0.16 1.67
C PRO A 6 -2.46 -0.12 0.82
N DAL A 7 -1.42 0.52 1.36
CA DAL A 7 -0.17 0.62 0.65
CB DAL A 7 1.00 0.73 1.63
C DAL A 7 -0.17 1.83 -0.28
O DAL A 7 0.86 2.18 -0.87
H DAL A 7 -1.51 0.92 2.24
HA DAL A 7 -0.03 -0.27 0.06
HB1 DAL A 7 1.57 1.61 1.40
HB2 DAL A 7 1.63 -0.14 1.55
N LEU A 8 -1.31 2.48 -0.42
CA LEU A 8 -1.37 3.65 -1.28
C LEU A 8 -0.44 4.70 -0.70
N MET A 9 -0.31 4.67 0.61
CA MET A 9 0.56 5.59 1.32
C MET A 9 2.02 5.29 0.97
N DBB A 10 2.33 4.00 0.88
CA DBB A 10 3.69 3.56 0.54
C DBB A 10 4.37 2.90 1.72
O DBB A 10 5.60 2.87 1.81
CB DBB A 10 3.63 2.55 -0.62
CG DBB A 10 3.29 1.16 -0.10
H DBB A 10 1.64 3.33 1.04
HA DBB A 10 4.27 4.41 0.24
HB2 DBB A 10 2.84 2.86 -1.28
HG1 DBB A 10 2.25 0.94 -0.28
HG2 DBB A 10 3.50 1.07 0.95
HG3 DBB A 10 3.88 0.42 -0.63
N GLY A 11 3.57 2.36 2.62
CA GLY A 11 4.10 1.68 3.78
C GLY A 11 3.05 0.77 4.39
N CYS A 12 2.80 -0.37 3.73
CA CYS A 12 1.81 -1.32 4.21
C CYS A 12 2.12 -2.73 3.76
N GLY A 13 1.09 -3.56 3.73
CA GLY A 13 1.24 -4.95 3.30
C GLY A 13 0.33 -5.23 2.11
N TRP A 14 -0.32 -4.18 1.65
CA TRP A 14 -1.22 -4.30 0.51
C TRP A 14 -0.57 -5.14 -0.59
N LEU A 15 -1.28 -5.31 -1.69
CA LEU A 15 -0.76 -6.09 -2.81
C LEU A 15 0.77 -6.02 -2.88
N DBU A 16 1.33 -4.87 -2.50
CA DBU A 16 2.72 -4.69 -2.52
CB DBU A 16 3.54 -4.19 -3.54
CG DBU A 16 3.03 -3.72 -4.88
C DBU A 16 3.28 -5.15 -1.20
O DBU A 16 3.51 -6.33 -0.95
H DBU A 16 0.77 -4.12 -2.22
HB DBU A 16 4.60 -4.14 -3.37
HG1 DBU A 16 3.87 -3.37 -5.47
HG2 DBU A 16 2.33 -2.93 -4.73
HG3 DBU A 16 2.56 -4.55 -5.40
N GLY A 17 3.52 -4.18 -0.32
CA GLY A 17 4.06 -4.46 1.01
C GLY A 17 5.28 -3.60 1.30
N LEU A 18 6.20 -3.54 0.34
CA LEU A 18 7.42 -2.75 0.52
C LEU A 18 7.31 -1.42 -0.22
N CYS A 19 6.17 -1.21 -0.88
CA CYS A 19 5.94 0.02 -1.64
C CYS A 19 6.94 0.14 -2.77
N VAL A 20 6.54 -0.33 -3.95
CA VAL A 20 7.40 -0.27 -5.12
C VAL A 20 6.83 0.70 -6.15
N ARG A 21 5.69 1.30 -5.83
CA ARG A 21 5.04 2.25 -6.74
C ARG A 21 6.05 2.82 -7.74
N ALA A 1 -10.34 -5.18 2.50
CA ALA A 1 -10.81 -4.54 3.74
C ALA A 1 -11.17 -3.08 3.47
N GLY A 2 -10.16 -2.23 3.43
CA GLY A 2 -10.38 -0.80 3.17
C GLY A 2 -9.46 -0.31 2.06
N GLY A 3 -9.97 0.60 1.23
CA GLY A 3 -9.18 1.15 0.13
C GLY A 3 -8.45 2.41 0.56
N DBU A 4 -7.14 2.27 0.78
CA DBU A 4 -6.34 3.36 1.20
CB DBU A 4 -5.99 4.54 0.53
CG DBU A 4 -6.46 4.89 -0.85
C DBU A 4 -5.83 3.06 2.58
O DBU A 4 -6.62 2.82 3.49
H DBU A 4 -6.71 1.40 0.66
HB DBU A 4 -5.35 5.25 1.04
HG1 DBU A 4 -5.62 5.20 -1.46
HG2 DBU A 4 -7.16 5.71 -0.78
HG3 DBU A 4 -6.95 4.04 -1.31
N ILE A 5 -4.49 3.06 2.74
CA ILE A 5 -3.86 2.77 4.04
C ILE A 5 -3.21 1.39 4.07
N PRO A 6 -3.69 0.44 3.31
CA PRO A 6 -3.12 -0.92 3.29
C PRO A 6 -1.76 -0.92 2.63
N DAL A 7 -1.38 0.25 2.11
CA DAL A 7 -0.10 0.39 1.44
CB DAL A 7 0.95 0.94 2.41
C DAL A 7 -0.19 1.36 0.27
O DAL A 7 0.76 1.49 -0.48
H DAL A 7 -1.98 1.01 2.19
HA DAL A 7 0.22 -0.57 1.08
HB1 DAL A 7 1.05 2.00 2.26
HB2 DAL A 7 1.90 0.46 2.19
N LEU A 8 -1.32 2.05 0.13
CA LEU A 8 -1.45 3.01 -0.95
C LEU A 8 -0.64 4.25 -0.59
N MET A 9 -0.46 4.44 0.72
CA MET A 9 0.30 5.57 1.24
C MET A 9 1.78 5.36 0.95
N DBB A 10 2.27 4.18 1.28
CA DBB A 10 3.67 3.83 1.04
C DBB A 10 4.35 3.34 2.32
O DBB A 10 5.44 3.77 2.66
CB DBB A 10 3.75 2.75 -0.05
CG DBB A 10 2.62 2.96 -1.04
H DBB A 10 1.69 3.51 1.68
HA DBB A 10 4.19 4.71 0.69
HB2 DBB A 10 4.69 2.81 -0.57
HG1 DBB A 10 1.72 3.26 -0.51
HG2 DBB A 10 2.43 2.04 -1.57
HG3 DBB A 10 2.89 3.73 -1.74
N GLY A 11 3.68 2.42 3.01
CA GLY A 11 4.23 1.86 4.24
C GLY A 11 3.33 0.76 4.80
N CYS A 12 3.15 -0.30 4.01
CA CYS A 12 2.30 -1.42 4.44
C CYS A 12 2.73 -2.72 3.78
N GLY A 13 1.73 -3.56 3.52
CA GLY A 13 1.93 -4.84 2.86
C GLY A 13 0.86 -5.02 1.81
N TRP A 14 0.27 -3.90 1.39
CA TRP A 14 -0.79 -3.90 0.39
C TRP A 14 -0.44 -4.87 -0.74
N LEU A 15 -1.33 -4.99 -1.71
CA LEU A 15 -1.09 -5.89 -2.83
C LEU A 15 0.40 -6.05 -3.09
N DBU A 16 1.16 -4.98 -2.91
CA DBU A 16 2.56 -4.93 -3.09
CB DBU A 16 3.28 -4.27 -4.09
CG DBU A 16 2.67 -3.45 -5.21
C DBU A 16 3.27 -5.73 -2.02
O DBU A 16 3.71 -6.86 -2.24
H DBU A 16 0.74 -4.13 -2.62
HB DBU A 16 4.36 -4.35 -4.09
HG1 DBU A 16 2.41 -2.47 -4.83
HG2 DBU A 16 1.79 -3.95 -5.58
HG3 DBU A 16 3.40 -3.35 -6.00
N GLY A 17 3.37 -5.14 -0.83
CA GLY A 17 4.04 -5.79 0.28
C GLY A 17 5.05 -4.86 0.93
N LEU A 18 5.99 -4.36 0.13
CA LEU A 18 7.02 -3.45 0.63
C LEU A 18 6.68 -2.01 0.25
N CYS A 19 5.55 -1.84 -0.44
CA CYS A 19 5.12 -0.51 -0.86
C CYS A 19 5.94 -0.04 -2.05
N VAL A 20 5.54 -0.47 -3.24
CA VAL A 20 6.24 -0.09 -4.46
C VAL A 20 6.18 1.42 -4.67
N ARG A 21 5.00 1.99 -4.47
CA ARG A 21 4.82 3.43 -4.63
C ARG A 21 5.48 4.19 -3.49
N ALA A 1 -8.46 -2.73 1.05
CA ALA A 1 -7.21 -2.70 0.23
C ALA A 1 -7.43 -1.82 -0.99
N GLY A 2 -6.49 -0.92 -1.24
CA GLY A 2 -6.59 -0.01 -2.37
C GLY A 2 -7.49 1.17 -2.07
N GLY A 3 -7.79 1.36 -0.79
CA GLY A 3 -8.66 2.47 -0.37
C GLY A 3 -7.84 3.61 0.24
N DBU A 4 -6.53 3.41 0.33
CA DBU A 4 -5.68 4.39 0.88
CB DBU A 4 -5.16 5.55 0.30
CG DBU A 4 -5.41 6.01 -1.12
C DBU A 4 -5.38 4.01 2.31
O DBU A 4 -6.31 3.91 3.12
H DBU A 4 -6.14 2.57 0.02
HB DBU A 4 -4.52 6.19 0.89
HG1 DBU A 4 -6.15 5.39 -1.57
HG2 DBU A 4 -4.49 5.96 -1.67
HG3 DBU A 4 -5.76 7.04 -1.09
N ILE A 5 -4.10 3.79 2.61
CA ILE A 5 -3.65 3.40 3.95
C ILE A 5 -3.14 1.96 3.99
N PRO A 6 -3.71 1.08 3.22
CA PRO A 6 -3.30 -0.34 3.20
C PRO A 6 -2.05 -0.54 2.37
N DAL A 7 -1.60 0.52 1.71
CA DAL A 7 -0.42 0.44 0.88
CB DAL A 7 0.83 0.47 1.75
C DAL A 7 -0.36 1.59 -0.12
O DAL A 7 0.68 1.83 -0.75
H DAL A 7 -2.09 1.37 1.78
HA DAL A 7 -0.43 -0.49 0.33
HB1 DAL A 7 1.39 1.37 1.53
HB2 DAL A 7 1.46 -0.39 1.53
N LEU A 8 -1.45 2.32 -0.26
CA LEU A 8 -1.44 3.46 -1.17
C LEU A 8 -0.46 4.49 -0.65
N MET A 9 -0.36 4.57 0.67
CA MET A 9 0.54 5.51 1.30
C MET A 9 1.98 5.18 0.97
N DBB A 10 2.30 3.87 0.96
CA DBB A 10 3.65 3.42 0.64
C DBB A 10 4.32 2.76 1.83
O DBB A 10 5.54 2.80 1.97
CB DBB A 10 3.60 2.44 -0.54
CG DBB A 10 3.28 1.02 -0.04
H DBB A 10 1.61 3.20 1.17
HA DBB A 10 4.24 4.28 0.34
HB2 DBB A 10 2.81 2.73 -1.19
HG1 DBB A 10 3.66 0.88 0.96
HG2 DBB A 10 3.74 0.30 -0.68
HG3 DBB A 10 2.21 0.87 -0.05
N GLY A 11 3.52 2.12 2.66
CA GLY A 11 4.05 1.43 3.82
C GLY A 11 3.03 0.47 4.39
N CYS A 12 2.88 -0.69 3.76
CA CYS A 12 1.91 -1.69 4.22
C CYS A 12 2.24 -3.08 3.67
N GLY A 13 1.18 -3.89 3.56
CA GLY A 13 1.31 -5.24 3.04
C GLY A 13 0.23 -5.50 2.00
N TRP A 14 -0.36 -4.42 1.51
CA TRP A 14 -1.42 -4.51 0.52
C TRP A 14 -1.05 -5.50 -0.59
N LEU A 15 -0.88 -4.98 -1.80
CA LEU A 15 -0.56 -5.81 -2.95
C LEU A 15 0.96 -5.86 -3.16
N DBU A 16 1.63 -4.76 -2.85
CA DBU A 16 3.03 -4.67 -2.98
CB DBU A 16 3.79 -4.12 -4.03
CG DBU A 16 3.20 -3.52 -5.28
C DBU A 16 3.69 -5.26 -1.76
O DBU A 16 4.19 -6.38 -1.77
H DBU A 16 1.15 -3.97 -2.51
HB DBU A 16 4.86 -4.14 -3.96
HG1 DBU A 16 2.25 -3.96 -5.49
HG2 DBU A 16 3.87 -3.67 -6.11
HG3 DBU A 16 3.07 -2.45 -5.12
N GLY A 17 3.69 -4.47 -0.69
CA GLY A 17 4.28 -4.92 0.57
C GLY A 17 5.37 -3.95 1.03
N LEU A 18 6.37 -3.74 0.17
CA LEU A 18 7.47 -2.85 0.51
C LEU A 18 7.32 -1.52 -0.22
N CYS A 19 6.16 -1.32 -0.84
CA CYS A 19 5.91 -0.09 -1.58
C CYS A 19 6.90 0.07 -2.73
N VAL A 20 6.58 -0.55 -3.85
CA VAL A 20 7.43 -0.49 -5.03
C VAL A 20 6.76 0.33 -6.13
N ARG A 21 5.52 0.74 -5.89
CA ARG A 21 4.78 1.52 -6.88
C ARG A 21 5.32 2.94 -6.93
N ALA A 1 -9.54 -1.75 -0.19
CA ALA A 1 -10.24 -1.45 -1.46
C ALA A 1 -10.63 0.02 -1.48
N GLY A 2 -9.70 0.86 -1.95
CA GLY A 2 -9.95 2.30 -2.02
C GLY A 2 -9.71 2.96 -0.67
N GLY A 3 -9.85 4.29 -0.64
CA GLY A 3 -9.65 5.03 0.60
C GLY A 3 -8.23 5.56 0.70
N DBU A 4 -7.37 5.14 -0.24
CA DBU A 4 -6.03 5.56 -0.24
CB DBU A 4 -5.27 6.06 -1.30
CG DBU A 4 -5.79 6.24 -2.71
C DBU A 4 -5.44 5.41 1.14
O DBU A 4 -5.49 6.32 1.96
H DBU A 4 -7.68 4.52 -0.94
HB DBU A 4 -4.24 6.34 -1.13
HG1 DBU A 4 -6.06 7.27 -2.86
HG2 DBU A 4 -6.64 5.61 -2.86
HG3 DBU A 4 -5.01 5.97 -3.41
N ILE A 5 -4.86 4.23 1.39
CA ILE A 5 -4.23 3.94 2.67
C ILE A 5 -3.56 2.57 2.65
N PRO A 6 -4.19 1.57 2.09
CA PRO A 6 -3.61 0.20 2.02
C PRO A 6 -2.36 0.17 1.16
N DAL A 7 -1.22 0.50 1.75
CA DAL A 7 0.03 0.50 1.01
CB DAL A 7 1.18 0.97 1.90
C DAL A 7 -0.06 1.43 -0.20
O DAL A 7 0.79 1.40 -1.09
H DAL A 7 -1.20 0.76 2.69
HA DAL A 7 0.25 -0.50 0.66
HB1 DAL A 7 1.38 2.01 1.70
HB2 DAL A 7 2.06 0.39 1.70
N LEU A 8 -1.08 2.27 -0.21
CA LEU A 8 -1.23 3.22 -1.29
C LEU A 8 -0.45 4.46 -0.92
N MET A 9 -0.31 4.66 0.39
CA MET A 9 0.41 5.80 0.93
C MET A 9 1.91 5.63 0.73
N DBB A 10 2.40 4.39 0.91
CA DBB A 10 3.82 4.10 0.76
C DBB A 10 4.40 3.59 2.08
O DBB A 10 5.30 4.20 2.65
CB DBB A 10 4.08 3.04 -0.32
CG DBB A 10 3.03 1.95 -0.18
H DBB A 10 1.78 3.67 1.16
HA DBB A 10 4.33 5.01 0.49
HB2 DBB A 10 3.92 3.50 -1.27
HG1 DBB A 10 2.09 2.40 0.10
HG2 DBB A 10 3.32 1.24 0.57
HG3 DBB A 10 2.92 1.44 -1.11
N GLY A 11 3.89 2.44 2.53
CA GLY A 11 4.38 1.86 3.76
C GLY A 11 3.42 0.79 4.31
N CYS A 12 3.23 -0.28 3.55
CA CYS A 12 2.34 -1.36 3.97
C CYS A 12 2.65 -2.65 3.24
N GLY A 13 1.66 -3.54 3.24
CA GLY A 13 1.77 -4.82 2.57
C GLY A 13 0.61 -5.00 1.60
N TRP A 14 -0.19 -3.95 1.48
CA TRP A 14 -1.34 -3.94 0.59
C TRP A 14 -1.28 -5.08 -0.42
N LEU A 15 -1.00 -4.76 -1.69
CA LEU A 15 -0.93 -5.78 -2.73
C LEU A 15 0.53 -6.08 -3.05
N DBU A 16 1.39 -5.08 -2.88
CA DBU A 16 2.77 -5.18 -3.12
CB DBU A 16 3.52 -4.71 -4.22
CG DBU A 16 2.94 -3.98 -5.41
C DBU A 16 3.48 -5.89 -2.00
O DBU A 16 4.09 -6.94 -2.19
H DBU A 16 1.07 -4.21 -2.57
HB DBU A 16 4.58 -4.88 -4.23
HG1 DBU A 16 2.49 -3.06 -5.08
HG2 DBU A 16 2.21 -4.61 -5.89
HG3 DBU A 16 3.74 -3.76 -6.11
N GLY A 17 3.40 -5.33 -0.80
CA GLY A 17 4.03 -5.93 0.37
C GLY A 17 4.86 -4.91 1.14
N LEU A 18 5.72 -4.18 0.43
CA LEU A 18 6.56 -3.18 1.07
C LEU A 18 5.94 -1.79 0.95
N CYS A 19 5.70 -1.36 -0.29
CA CYS A 19 5.13 -0.05 -0.53
C CYS A 19 5.52 0.46 -1.92
N VAL A 20 4.51 0.76 -2.74
CA VAL A 20 4.77 1.25 -4.09
C VAL A 20 3.93 2.49 -4.36
N ARG A 21 4.29 3.60 -3.70
CA ARG A 21 3.57 4.85 -3.87
C ARG A 21 2.27 4.83 -3.08
N ALA A 1 -8.40 -2.71 -3.05
CA ALA A 1 -9.35 -2.31 -1.96
C ALA A 1 -9.71 -0.84 -2.12
N GLY A 2 -8.69 0.01 -2.25
CA GLY A 2 -8.90 1.44 -2.40
C GLY A 2 -9.16 2.10 -1.05
N GLY A 3 -8.86 1.37 0.02
CA GLY A 3 -9.07 1.90 1.36
C GLY A 3 -8.18 3.12 1.61
N DBU A 4 -6.97 3.09 1.07
CA DBU A 4 -6.06 4.15 1.24
CB DBU A 4 -5.75 5.21 0.38
CG DBU A 4 -6.33 5.47 -1.00
C DBU A 4 -5.38 4.06 2.58
O DBU A 4 -5.81 4.70 3.54
H DBU A 4 -6.69 2.30 0.53
HB DBU A 4 -5.02 5.94 0.71
HG1 DBU A 4 -5.53 5.57 -1.71
HG2 DBU A 4 -6.91 6.39 -0.97
HG3 DBU A 4 -6.97 4.65 -1.28
N ILE A 5 -4.31 3.27 2.64
CA ILE A 5 -3.56 3.09 3.88
C ILE A 5 -2.85 1.74 3.90
N PRO A 6 -3.51 0.72 3.44
CA PRO A 6 -2.95 -0.66 3.42
C PRO A 6 -1.75 -0.79 2.51
N DAL A 7 -1.40 0.31 1.85
CA DAL A 7 -0.24 0.32 0.94
CB DAL A 7 1.03 0.67 1.73
C DAL A 7 -0.40 1.34 -0.18
O DAL A 7 0.32 1.28 -1.17
H DAL A 7 -1.91 1.13 1.96
HA DAL A 7 -0.13 -0.67 0.52
HB1 DAL A 7 1.27 1.70 1.56
HB2 DAL A 7 1.84 0.05 1.40
N LEU A 8 -1.30 2.29 0.00
CA LEU A 8 -1.48 3.34 -0.99
C LEU A 8 -0.61 4.51 -0.56
N MET A 9 -0.38 4.56 0.75
CA MET A 9 0.44 5.59 1.35
C MET A 9 1.90 5.41 0.95
N DBB A 10 2.34 4.16 0.89
CA DBB A 10 3.72 3.87 0.53
C DBB A 10 4.46 3.27 1.71
O DBB A 10 5.55 3.71 2.07
CB DBB A 10 3.79 2.90 -0.65
CG DBB A 10 3.02 1.62 -0.30
H DBB A 10 1.73 3.43 1.11
HA DBB A 10 4.21 4.78 0.25
HB2 DBB A 10 3.28 3.35 -1.48
HG1 DBB A 10 1.99 1.85 -0.12
HG2 DBB A 10 3.45 1.16 0.57
HG3 DBB A 10 3.09 0.93 -1.13
N GLY A 11 3.86 2.26 2.33
CA GLY A 11 4.48 1.61 3.47
C GLY A 11 3.58 0.53 4.05
N CYS A 12 3.38 -0.54 3.30
CA CYS A 12 2.54 -1.65 3.76
C CYS A 12 2.89 -2.93 3.03
N GLY A 13 1.88 -3.80 2.92
CA GLY A 13 2.01 -5.07 2.24
C GLY A 13 0.79 -5.28 1.36
N TRP A 14 0.07 -4.19 1.12
CA TRP A 14 -1.14 -4.23 0.32
C TRP A 14 -1.04 -5.30 -0.78
N LEU A 15 -0.83 -4.88 -2.02
CA LEU A 15 -0.76 -5.82 -3.14
C LEU A 15 0.61 -5.75 -3.79
N DBU A 16 1.56 -5.11 -3.12
CA DBU A 16 2.88 -4.96 -3.60
CB DBU A 16 3.30 -4.38 -4.80
CG DBU A 16 2.36 -3.77 -5.81
C DBU A 16 3.89 -5.54 -2.64
O DBU A 16 4.71 -6.39 -3.01
H DBU A 16 1.36 -4.71 -2.24
HB DBU A 16 4.35 -4.33 -5.03
HG1 DBU A 16 2.59 -2.72 -5.93
HG2 DBU A 16 1.34 -3.88 -5.48
HG3 DBU A 16 2.50 -4.27 -6.76
N GLY A 17 3.83 -5.08 -1.40
CA GLY A 17 4.75 -5.55 -0.38
C GLY A 17 5.91 -4.57 -0.20
N LEU A 18 5.96 -3.94 0.97
CA LEU A 18 7.02 -2.97 1.26
C LEU A 18 7.00 -1.83 0.25
N CYS A 19 5.87 -1.14 0.19
CA CYS A 19 5.71 -0.02 -0.73
C CYS A 19 6.73 -0.07 -1.86
N VAL A 20 6.35 -0.69 -2.98
CA VAL A 20 7.24 -0.80 -4.12
C VAL A 20 6.75 0.06 -5.28
N ARG A 21 5.57 0.65 -5.11
CA ARG A 21 4.99 1.49 -6.15
C ARG A 21 5.54 2.91 -6.05
N ALA A 1 -9.76 -2.82 -4.51
CA ALA A 1 -8.94 -2.22 -3.42
C ALA A 1 -8.24 -0.98 -3.96
N GLY A 2 -7.22 -0.53 -3.23
CA GLY A 2 -6.47 0.65 -3.64
C GLY A 2 -7.23 1.93 -3.32
N GLY A 3 -8.20 1.81 -2.42
CA GLY A 3 -9.00 2.96 -2.02
C GLY A 3 -8.14 4.02 -1.34
N DBU A 4 -7.15 3.55 -0.57
CA DBU A 4 -6.29 4.42 0.12
CB DBU A 4 -5.69 5.63 -0.28
CG DBU A 4 -5.85 6.31 -1.62
C DBU A 4 -6.02 3.89 1.52
O DBU A 4 -6.98 3.65 2.24
H DBU A 4 -7.02 2.58 -0.48
HB DBU A 4 -5.07 6.13 0.43
HG1 DBU A 4 -6.38 5.65 -2.30
HG2 DBU A 4 -4.88 6.54 -2.02
HG3 DBU A 4 -6.42 7.22 -1.49
N ILE A 5 -4.74 3.74 1.87
CA ILE A 5 -4.34 3.27 3.19
C ILE A 5 -3.74 1.86 3.14
N PRO A 6 -4.31 0.99 2.36
CA PRO A 6 -3.81 -0.40 2.27
C PRO A 6 -2.34 -0.42 1.92
N DAL A 7 -1.98 0.41 0.95
CA DAL A 7 -0.60 0.51 0.53
CB DAL A 7 0.29 0.47 1.75
C DAL A 7 -0.33 1.77 -0.29
O DAL A 7 0.80 2.02 -0.69
H DAL A 7 -2.65 0.96 0.53
HA DAL A 7 -0.37 -0.35 -0.08
HB1 DAL A 7 -0.28 0.76 2.62
HB2 DAL A 7 1.12 1.15 1.62
N LEU A 8 -1.38 2.55 -0.55
CA LEU A 8 -1.21 3.77 -1.32
C LEU A 8 -0.33 4.75 -0.57
N MET A 9 -0.39 4.66 0.75
CA MET A 9 0.38 5.54 1.61
C MET A 9 1.88 5.33 1.34
N DBB A 10 2.27 4.08 1.16
CA DBB A 10 3.67 3.77 0.87
C DBB A 10 4.38 3.19 2.09
O DBB A 10 5.52 3.55 2.37
CB DBB A 10 3.76 2.80 -0.30
CG DBB A 10 3.45 1.38 0.18
H DBB A 10 1.61 3.34 1.20
HA DBB A 10 4.17 4.68 0.60
HB2 DBB A 10 3.00 3.07 -1.01
HG1 DBB A 10 4.01 1.16 1.08
HG2 DBB A 10 3.71 0.68 -0.59
HG3 DBB A 10 2.40 1.30 0.40
N GLY A 11 3.70 2.30 2.81
CA GLY A 11 4.31 1.71 3.99
C GLY A 11 3.43 0.62 4.59
N CYS A 12 3.11 -0.38 3.79
CA CYS A 12 2.26 -1.48 4.23
C CYS A 12 2.72 -2.80 3.64
N GLY A 13 1.78 -3.75 3.62
CA GLY A 13 2.03 -5.06 3.05
C GLY A 13 0.96 -5.33 2.00
N TRP A 14 0.27 -4.27 1.63
CA TRP A 14 -0.79 -4.36 0.63
C TRP A 14 -0.36 -5.25 -0.53
N LEU A 15 -1.28 -5.49 -1.46
CA LEU A 15 -0.98 -6.33 -2.61
C LEU A 15 0.51 -6.27 -2.96
N DBU A 16 1.12 -5.11 -2.76
CA DBU A 16 2.48 -4.95 -3.04
CB DBU A 16 3.09 -4.25 -4.10
CG DBU A 16 2.35 -3.52 -5.19
C DBU A 16 3.32 -5.65 -2.00
O DBU A 16 3.82 -6.75 -2.23
H DBU A 16 0.62 -4.35 -2.41
HB DBU A 16 4.17 -4.24 -4.16
HG1 DBU A 16 2.55 -2.46 -5.11
HG2 DBU A 16 1.29 -3.70 -5.09
HG3 DBU A 16 2.69 -3.87 -6.15
N GLY A 17 3.48 -5.01 -0.84
CA GLY A 17 4.26 -5.59 0.24
C GLY A 17 5.27 -4.58 0.75
N LEU A 18 6.08 -4.06 -0.15
CA LEU A 18 7.07 -3.05 0.19
C LEU A 18 6.96 -1.87 -0.75
N CYS A 19 6.39 -0.77 -0.25
CA CYS A 19 6.22 0.42 -1.08
C CYS A 19 7.29 0.47 -2.16
N VAL A 20 6.98 -0.09 -3.31
CA VAL A 20 7.92 -0.10 -4.43
C VAL A 20 7.45 0.85 -5.52
N ARG A 21 6.29 1.46 -5.31
CA ARG A 21 5.74 2.41 -6.28
C ARG A 21 6.38 3.78 -6.10
N ALA A 1 -4.65 4.83 -6.12
CA ALA A 1 -5.94 4.67 -6.85
C ALA A 1 -7.10 4.84 -5.86
N GLY A 2 -7.83 3.76 -5.62
CA GLY A 2 -8.96 3.81 -4.70
C GLY A 2 -8.49 3.56 -3.26
N GLY A 3 -9.42 3.67 -2.32
CA GLY A 3 -9.09 3.45 -0.92
C GLY A 3 -8.15 4.52 -0.40
N DBU A 4 -6.86 4.21 -0.38
CA DBU A 4 -5.90 5.13 0.08
CB DBU A 4 -5.24 6.16 -0.60
CG DBU A 4 -5.43 6.55 -2.05
C DBU A 4 -5.57 4.89 1.53
O DBU A 4 -6.19 5.51 2.40
H DBU A 4 -6.56 3.33 -0.67
HB DBU A 4 -4.52 6.76 -0.06
HG1 DBU A 4 -4.51 6.41 -2.58
HG2 DBU A 4 -5.71 7.60 -2.10
HG3 DBU A 4 -6.20 5.95 -2.49
N ILE A 5 -4.61 4.01 1.80
CA ILE A 5 -4.21 3.71 3.17
C ILE A 5 -3.69 2.28 3.29
N PRO A 6 -4.37 1.36 2.66
CA PRO A 6 -3.98 -0.08 2.71
C PRO A 6 -2.56 -0.26 2.21
N DAL A 7 -2.19 0.58 1.25
CA DAL A 7 -0.85 0.51 0.67
CB DAL A 7 0.15 0.41 1.80
C DAL A 7 -0.54 1.69 -0.23
O DAL A 7 0.60 1.86 -0.66
H DAL A 7 -2.82 1.25 0.92
HA DAL A 7 -0.80 -0.39 0.10
HB1 DAL A 7 -0.28 0.80 2.71
HB2 DAL A 7 1.02 0.99 1.54
N LEU A 8 -1.55 2.49 -0.56
CA LEU A 8 -1.33 3.64 -1.43
C LEU A 8 -0.39 4.61 -0.75
N MET A 9 -0.36 4.54 0.58
CA MET A 9 0.48 5.41 1.38
C MET A 9 1.95 5.14 1.08
N DBB A 10 2.30 3.86 0.91
CA DBB A 10 3.68 3.49 0.61
C DBB A 10 4.38 2.97 1.85
O DBB A 10 5.56 3.23 2.06
CB DBB A 10 3.72 2.44 -0.50
CG DBB A 10 3.29 1.09 0.08
H DBB A 10 1.62 3.16 0.98
HA DBB A 10 4.21 4.37 0.27
HB2 DBB A 10 3.00 2.71 -1.24
HG1 DBB A 10 2.23 1.09 0.25
HG2 DBB A 10 3.82 0.91 1.01
HG3 DBB A 10 3.54 0.30 -0.62
N GLY A 11 3.66 2.21 2.66
CA GLY A 11 4.25 1.66 3.86
C GLY A 11 3.38 0.58 4.49
N CYS A 12 3.03 -0.42 3.70
CA CYS A 12 2.19 -1.51 4.18
C CYS A 12 2.58 -2.82 3.52
N GLY A 13 1.61 -3.73 3.46
CA GLY A 13 1.81 -5.02 2.83
C GLY A 13 0.73 -5.26 1.78
N TRP A 14 -0.21 -4.31 1.73
CA TRP A 14 -1.33 -4.36 0.79
C TRP A 14 -1.09 -5.42 -0.32
N LEU A 15 -0.88 -4.95 -1.54
CA LEU A 15 -0.65 -5.85 -2.66
C LEU A 15 0.83 -5.88 -3.03
N DBU A 16 1.51 -4.77 -2.78
CA DBU A 16 2.89 -4.61 -3.05
CB DBU A 16 3.53 -3.92 -4.09
CG DBU A 16 2.83 -3.16 -5.19
C DBU A 16 3.69 -5.34 -2.01
O DBU A 16 4.25 -6.41 -2.26
H DBU A 16 1.07 -3.99 -2.39
HB DBU A 16 4.61 -3.93 -4.13
HG1 DBU A 16 1.81 -2.96 -4.90
HG2 DBU A 16 2.85 -3.74 -6.10
HG3 DBU A 16 3.36 -2.22 -5.36
N GLY A 17 3.74 -4.78 -0.81
CA GLY A 17 4.48 -5.39 0.28
C GLY A 17 5.44 -4.40 0.93
N LEU A 18 6.38 -3.89 0.13
CA LEU A 18 7.36 -2.94 0.64
C LEU A 18 7.15 -1.56 0.02
N CYS A 19 6.15 -1.44 -0.84
CA CYS A 19 5.87 -0.17 -1.50
C CYS A 19 6.80 0.02 -2.69
N VAL A 20 6.49 -0.66 -3.79
CA VAL A 20 7.30 -0.56 -5.00
C VAL A 20 6.55 0.21 -6.09
N ARG A 21 5.25 0.42 -5.88
CA ARG A 21 4.44 1.14 -6.83
C ARG A 21 5.10 1.17 -8.21
N ALA A 1 -14.25 4.48 1.20
CA ALA A 1 -12.87 4.07 1.59
C ALA A 1 -12.52 2.76 0.89
N GLY A 2 -11.61 2.00 1.50
CA GLY A 2 -11.18 0.74 0.93
C GLY A 2 -10.12 0.94 -0.13
N GLY A 3 -9.63 2.17 -0.23
CA GLY A 3 -8.59 2.50 -1.20
C GLY A 3 -7.89 3.80 -0.84
N DBU A 4 -6.69 3.68 -0.28
CA DBU A 4 -5.94 4.81 0.10
CB DBU A 4 -5.53 5.91 -0.66
CG DBU A 4 -5.84 6.12 -2.12
C DBU A 4 -5.54 4.75 1.55
O DBU A 4 -6.12 5.43 2.38
H DBU A 4 -6.31 2.79 -0.11
HB DBU A 4 -4.95 6.69 -0.17
HG1 DBU A 4 -6.42 5.29 -2.49
HG2 DBU A 4 -4.93 6.21 -2.67
HG3 DBU A 4 -6.43 7.03 -2.23
N ILE A 5 -4.53 3.93 1.85
CA ILE A 5 -4.06 3.78 3.22
C ILE A 5 -3.40 2.42 3.42
N PRO A 6 -4.05 1.38 2.96
CA PRO A 6 -3.53 -0.01 3.09
C PRO A 6 -2.20 -0.16 2.36
N DAL A 7 -2.01 0.68 1.35
CA DAL A 7 -0.80 0.61 0.57
CB DAL A 7 0.41 0.71 1.48
C DAL A 7 -0.72 1.70 -0.50
O DAL A 7 0.18 1.66 -1.34
H DAL A 7 -2.69 1.32 1.12
HA DAL A 7 -0.77 -0.34 0.09
HB1 DAL A 7 0.11 1.12 2.44
HB2 DAL A 7 1.15 1.36 1.03
N LEU A 8 -1.63 2.64 -0.51
CA LEU A 8 -1.58 3.69 -1.51
C LEU A 8 -0.74 4.85 -0.99
N MET A 9 -0.34 4.73 0.27
CA MET A 9 0.48 5.75 0.90
C MET A 9 1.91 5.25 0.96
N DBB A 10 2.06 3.96 1.20
CA DBB A 10 3.37 3.34 1.28
C DBB A 10 3.60 2.77 2.68
O DBB A 10 2.85 3.08 3.61
CB DBB A 10 3.52 2.24 0.19
CG DBB A 10 2.46 2.44 -0.88
H DBB A 10 1.26 3.40 1.31
HA DBB A 10 4.11 4.11 1.09
HB2 DBB A 10 4.49 2.31 -0.28
HG1 DBB A 10 2.29 1.51 -1.40
HG2 DBB A 10 2.80 3.18 -1.59
HG3 DBB A 10 1.55 2.77 -0.43
N GLY A 11 4.64 1.97 2.84
CA GLY A 11 4.96 1.39 4.15
C GLY A 11 3.92 0.38 4.61
N CYS A 12 3.41 -0.42 3.68
CA CYS A 12 2.40 -1.42 3.99
C CYS A 12 2.70 -2.72 3.28
N GLY A 13 1.74 -3.62 3.31
CA GLY A 13 1.86 -4.91 2.64
C GLY A 13 0.71 -5.07 1.67
N TRP A 14 -0.10 -4.01 1.57
CA TRP A 14 -1.27 -3.99 0.70
C TRP A 14 -1.20 -5.12 -0.34
N LEU A 15 -1.00 -4.75 -1.60
CA LEU A 15 -0.93 -5.72 -2.67
C LEU A 15 0.53 -5.99 -3.04
N DBU A 16 1.37 -4.98 -2.81
CA DBU A 16 2.75 -5.03 -3.08
CB DBU A 16 3.46 -4.46 -4.15
CG DBU A 16 2.87 -3.66 -5.28
C DBU A 16 3.44 -5.82 -2.00
O DBU A 16 4.04 -6.87 -2.27
H DBU A 16 1.04 -4.14 -2.42
HB DBU A 16 4.54 -4.61 -4.18
HG1 DBU A 16 3.31 -2.67 -5.27
HG2 DBU A 16 1.80 -3.57 -5.14
HG3 DBU A 16 3.08 -4.15 -6.22
N GLY A 17 3.38 -5.34 -0.76
CA GLY A 17 4.01 -6.04 0.34
C GLY A 17 4.99 -5.12 1.07
N LEU A 18 6.01 -4.68 0.35
CA LEU A 18 7.01 -3.79 0.93
C LEU A 18 6.65 -2.35 0.61
N CYS A 19 5.58 -2.18 -0.16
CA CYS A 19 5.13 -0.84 -0.53
C CYS A 19 6.06 -0.24 -1.58
N VAL A 20 6.05 -0.83 -2.77
CA VAL A 20 6.90 -0.36 -3.85
C VAL A 20 6.52 1.07 -4.25
N ARG A 21 5.22 1.32 -4.36
CA ARG A 21 4.74 2.64 -4.73
C ARG A 21 5.06 3.66 -3.64
N ALA A 1 -0.86 7.52 -4.62
CA ALA A 1 -0.35 8.90 -4.81
C ALA A 1 -1.13 9.87 -3.94
N GLY A 2 -2.45 9.71 -3.91
CA GLY A 2 -3.30 10.57 -3.10
C GLY A 2 -3.00 10.42 -1.62
N GLY A 3 -2.69 9.18 -1.22
CA GLY A 3 -2.39 8.91 0.17
C GLY A 3 -3.45 8.01 0.80
N DBU A 4 -3.30 6.71 0.60
CA DBU A 4 -4.23 5.79 1.12
CB DBU A 4 -5.37 5.23 0.56
CG DBU A 4 -5.85 5.54 -0.84
C DBU A 4 -3.89 5.39 2.53
O DBU A 4 -3.71 6.23 3.40
H DBU A 4 -2.55 6.37 0.08
HB DBU A 4 -5.90 4.54 1.20
HG1 DBU A 4 -5.03 5.39 -1.52
HG2 DBU A 4 -6.17 6.57 -0.87
HG3 DBU A 4 -6.67 4.90 -1.10
N ILE A 5 -3.80 4.07 2.74
CA ILE A 5 -3.46 3.56 4.06
C ILE A 5 -2.98 2.11 3.99
N PRO A 6 -3.67 1.27 3.26
CA PRO A 6 -3.31 -0.16 3.12
C PRO A 6 -2.03 -0.37 2.35
N DAL A 7 -1.61 0.69 1.65
CA DAL A 7 -0.39 0.61 0.84
CB DAL A 7 0.84 0.71 1.75
C DAL A 7 -0.35 1.73 -0.18
O DAL A 7 0.69 1.99 -0.78
H DAL A 7 -2.12 1.52 1.66
HA DAL A 7 -0.37 -0.35 0.34
HB1 DAL A 7 1.38 1.60 1.50
HB2 DAL A 7 1.48 -0.15 1.58
N LEU A 8 -1.47 2.40 -0.38
CA LEU A 8 -1.49 3.49 -1.34
C LEU A 8 -0.55 4.59 -0.84
N MET A 9 -0.47 4.70 0.47
CA MET A 9 0.41 5.69 1.11
C MET A 9 1.87 5.39 0.79
N DBB A 10 2.24 4.11 0.83
CA DBB A 10 3.61 3.70 0.54
C DBB A 10 4.27 3.10 1.76
O DBB A 10 5.49 3.19 1.93
CB DBB A 10 3.62 2.66 -0.59
CG DBB A 10 3.28 1.27 -0.04
H DBB A 10 1.57 3.42 1.07
HA DBB A 10 4.17 4.56 0.22
HB2 DBB A 10 2.86 2.93 -1.30
HG1 DBB A 10 3.75 0.51 -0.65
HG2 DBB A 10 2.22 1.12 -0.06
HG3 DBB A 10 3.62 1.17 0.97
N GLY A 11 3.47 2.48 2.62
CA GLY A 11 4.00 1.87 3.81
C GLY A 11 2.98 0.89 4.40
N CYS A 12 2.88 -0.30 3.79
CA CYS A 12 1.95 -1.31 4.28
C CYS A 12 2.30 -2.69 3.74
N GLY A 13 1.28 -3.54 3.67
CA GLY A 13 1.43 -4.90 3.17
C GLY A 13 0.34 -5.22 2.15
N TRP A 14 -0.25 -4.17 1.60
CA TRP A 14 -1.32 -4.33 0.62
C TRP A 14 -0.96 -5.38 -0.42
N LEU A 15 -0.76 -4.94 -1.65
CA LEU A 15 -0.42 -5.86 -2.74
C LEU A 15 1.08 -5.84 -3.00
N DBU A 16 1.73 -4.73 -2.67
CA DBU A 16 3.12 -4.59 -2.85
CB DBU A 16 3.81 -3.93 -3.87
CG DBU A 16 3.16 -3.19 -5.01
C DBU A 16 3.86 -5.31 -1.74
O DBU A 16 4.54 -6.31 -1.96
H DBU A 16 1.23 -3.97 -2.28
HB DBU A 16 4.89 -3.92 -3.85
HG1 DBU A 16 3.68 -2.26 -5.18
HG2 DBU A 16 2.13 -2.98 -4.76
HG3 DBU A 16 3.20 -3.79 -5.90
N GLY A 17 3.71 -4.77 -0.54
CA GLY A 17 4.37 -5.35 0.63
C GLY A 17 5.58 -4.53 1.05
N LEU A 18 6.12 -3.74 0.12
CA LEU A 18 7.28 -2.91 0.41
C LEU A 18 7.25 -1.63 -0.44
N CYS A 19 6.05 -1.11 -0.66
CA CYS A 19 5.89 0.10 -1.46
C CYS A 19 6.94 0.16 -2.56
N VAL A 20 6.55 -0.28 -3.76
CA VAL A 20 7.45 -0.26 -4.90
C VAL A 20 7.02 0.79 -5.91
N ARG A 21 5.81 1.31 -5.73
CA ARG A 21 5.29 2.33 -6.64
C ARG A 21 6.41 3.22 -7.16
N ALA A 1 -9.86 6.11 -7.56
CA ALA A 1 -8.51 5.57 -7.22
C ALA A 1 -8.66 4.53 -6.11
N GLY A 2 -7.54 4.20 -5.46
CA GLY A 2 -7.56 3.23 -4.39
C GLY A 2 -7.95 3.87 -3.06
N GLY A 3 -7.87 3.09 -1.98
CA GLY A 3 -8.22 3.60 -0.67
C GLY A 3 -7.31 4.76 -0.25
N DBU A 4 -6.01 4.61 -0.52
CA DBU A 4 -5.08 5.62 -0.19
CB DBU A 4 -4.59 6.67 -0.96
CG DBU A 4 -5.05 6.85 -2.38
C DBU A 4 -4.63 5.43 1.24
O DBU A 4 -4.29 6.37 1.96
H DBU A 4 -5.69 3.80 -0.96
HB DBU A 4 -3.87 7.37 -0.56
HG1 DBU A 4 -5.77 6.07 -2.60
HG2 DBU A 4 -4.20 6.77 -3.05
HG3 DBU A 4 -5.52 7.81 -2.50
N ILE A 5 -4.64 4.17 1.65
CA ILE A 5 -4.25 3.81 3.00
C ILE A 5 -3.69 2.40 3.11
N PRO A 6 -4.35 1.44 2.52
CA PRO A 6 -3.90 0.02 2.61
C PRO A 6 -2.46 -0.12 2.15
N DAL A 7 -2.10 0.69 1.16
CA DAL A 7 -0.75 0.65 0.63
CB DAL A 7 0.22 0.59 1.80
C DAL A 7 -0.44 1.85 -0.25
O DAL A 7 0.71 2.07 -0.62
H DAL A 7 -2.75 1.31 0.78
HA DAL A 7 -0.64 -0.24 0.05
HB1 DAL A 7 -0.26 0.97 2.68
HB2 DAL A 7 1.10 1.18 1.57
N LEU A 8 -1.46 2.64 -0.60
CA LEU A 8 -1.25 3.79 -1.45
C LEU A 8 -0.34 4.78 -0.73
N MET A 9 -0.38 4.71 0.60
CA MET A 9 0.43 5.60 1.43
C MET A 9 1.91 5.33 1.15
N DBB A 10 2.25 4.06 0.99
CA DBB A 10 3.63 3.68 0.70
C DBB A 10 4.31 3.09 1.92
O DBB A 10 5.49 3.35 2.16
CB DBB A 10 3.66 2.67 -0.45
CG DBB A 10 3.36 1.27 0.08
H DBB A 10 1.57 3.36 1.04
HA DBB A 10 4.17 4.55 0.39
HB2 DBB A 10 2.89 2.92 -1.15
HG1 DBB A 10 3.65 0.53 -0.65
HG2 DBB A 10 2.29 1.18 0.27
HG3 DBB A 10 3.90 1.09 0.99
N GLY A 11 3.57 2.30 2.69
CA GLY A 11 4.15 1.69 3.88
C GLY A 11 3.18 0.71 4.54
N CYS A 12 2.91 -0.39 3.85
CA CYS A 12 2.00 -1.40 4.36
C CYS A 12 2.34 -2.79 3.84
N GLY A 13 1.36 -3.67 3.88
CA GLY A 13 1.51 -5.03 3.39
C GLY A 13 0.52 -5.27 2.25
N TRP A 14 -0.13 -4.19 1.83
CA TRP A 14 -1.10 -4.27 0.75
C TRP A 14 -0.55 -5.11 -0.39
N LEU A 15 -1.34 -5.26 -1.44
CA LEU A 15 -0.92 -6.05 -2.59
C LEU A 15 0.61 -6.05 -2.74
N DBU A 16 1.23 -4.92 -2.42
CA DBU A 16 2.63 -4.79 -2.50
CB DBU A 16 3.43 -4.35 -3.57
CG DBU A 16 2.89 -3.92 -4.91
C DBU A 16 3.25 -5.22 -1.18
O DBU A 16 3.43 -6.41 -0.92
H DBU A 16 0.71 -4.14 -2.10
HB DBU A 16 4.50 -4.33 -3.44
HG1 DBU A 16 2.03 -4.52 -5.17
HG2 DBU A 16 3.66 -4.03 -5.66
HG3 DBU A 16 2.60 -2.88 -4.86
N GLY A 17 3.59 -4.23 -0.35
CA GLY A 17 4.20 -4.53 0.95
C GLY A 17 5.47 -3.71 1.17
N LEU A 18 6.29 -3.62 0.13
CA LEU A 18 7.53 -2.87 0.22
C LEU A 18 7.44 -1.58 -0.59
N CYS A 19 6.23 -1.03 -0.67
CA CYS A 19 6.02 0.19 -1.43
C CYS A 19 7.05 0.32 -2.55
N VAL A 20 6.79 -0.37 -3.66
CA VAL A 20 7.70 -0.33 -4.80
C VAL A 20 7.22 0.68 -5.82
N ARG A 21 6.04 1.24 -5.59
CA ARG A 21 5.46 2.22 -6.51
C ARG A 21 6.55 3.13 -7.08
N ALA A 1 -14.16 2.81 -2.03
CA ALA A 1 -13.13 1.75 -2.28
C ALA A 1 -11.93 2.39 -2.96
N GLY A 2 -11.51 3.55 -2.46
CA GLY A 2 -10.37 4.24 -3.03
C GLY A 2 -9.09 3.42 -2.88
N GLY A 3 -8.97 2.75 -1.73
CA GLY A 3 -7.79 1.93 -1.47
C GLY A 3 -6.60 2.78 -1.07
N DBU A 4 -6.89 4.01 -0.65
CA DBU A 4 -5.86 4.89 -0.24
CB DBU A 4 -5.10 5.80 -1.00
CG DBU A 4 -5.26 5.98 -2.48
C DBU A 4 -5.61 4.77 1.24
O DBU A 4 -6.29 5.43 2.03
H DBU A 4 -7.81 4.32 -0.62
HB DBU A 4 -4.36 6.36 -0.45
HG1 DBU A 4 -5.75 5.12 -2.90
HG2 DBU A 4 -4.29 6.11 -2.94
HG3 DBU A 4 -5.87 6.87 -2.67
N ILE A 5 -4.62 3.96 1.60
CA ILE A 5 -4.27 3.75 3.01
C ILE A 5 -3.74 2.34 3.23
N PRO A 6 -4.39 1.36 2.68
CA PRO A 6 -4.00 -0.07 2.82
C PRO A 6 -2.59 -0.32 2.31
N DAL A 7 -2.13 0.59 1.46
CA DAL A 7 -0.80 0.49 0.88
CB DAL A 7 0.23 0.29 1.97
C DAL A 7 -0.49 1.75 0.06
O DAL A 7 0.67 2.07 -0.20
H DAL A 7 -2.69 1.35 1.23
HA DAL A 7 -0.78 -0.36 0.22
HB1 DAL A 7 -0.13 0.73 2.89
HB2 DAL A 7 1.15 0.77 1.69
N LEU A 8 -1.53 2.46 -0.35
CA LEU A 8 -1.36 3.67 -1.13
C LEU A 8 -0.41 4.62 -0.42
N MET A 9 -0.40 4.54 0.90
CA MET A 9 0.45 5.41 1.70
C MET A 9 1.92 5.13 1.37
N DBB A 10 2.26 3.85 1.18
CA DBB A 10 3.63 3.47 0.85
C DBB A 10 4.33 2.85 2.04
O DBB A 10 5.53 3.04 2.23
CB DBB A 10 3.60 2.46 -0.31
CG DBB A 10 3.22 1.07 0.22
H DBB A 10 1.57 3.17 1.28
HA DBB A 10 4.17 4.34 0.53
HB2 DBB A 10 2.86 2.76 -1.01
HG1 DBB A 10 2.16 1.01 0.31
HG2 DBB A 10 3.68 0.89 1.18
HG3 DBB A 10 3.54 0.32 -0.48
N GLY A 11 3.57 2.10 2.83
CA GLY A 11 4.14 1.45 3.98
C GLY A 11 3.18 0.42 4.57
N CYS A 12 3.03 -0.72 3.88
CA CYS A 12 2.12 -1.77 4.34
C CYS A 12 2.43 -3.10 3.66
N GLY A 13 1.47 -4.01 3.76
CA GLY A 13 1.58 -5.33 3.15
C GLY A 13 0.42 -5.58 2.20
N TRP A 14 -0.20 -4.49 1.75
CA TRP A 14 -1.32 -4.58 0.83
C TRP A 14 -1.01 -5.55 -0.32
N LEU A 15 -0.93 -5.02 -1.53
CA LEU A 15 -0.65 -5.83 -2.70
C LEU A 15 0.85 -5.89 -2.97
N DBU A 16 1.53 -4.76 -2.79
CA DBU A 16 2.92 -4.70 -3.01
CB DBU A 16 3.61 -4.15 -4.09
CG DBU A 16 2.96 -3.48 -5.28
C DBU A 16 3.66 -5.33 -1.85
O DBU A 16 4.18 -6.45 -1.96
H DBU A 16 1.06 -3.95 -2.50
HB DBU A 16 4.69 -4.18 -4.10
HG1 DBU A 16 3.26 -4.00 -6.18
HG2 DBU A 16 3.26 -2.45 -5.33
HG3 DBU A 16 1.88 -3.54 -5.18
N GLY A 17 3.71 -4.62 -0.74
CA GLY A 17 4.40 -5.13 0.45
C GLY A 17 5.47 -4.15 0.91
N LEU A 18 6.42 -3.88 0.03
CA LEU A 18 7.50 -2.95 0.34
C LEU A 18 7.23 -1.57 -0.25
N CYS A 19 6.07 -1.42 -0.86
CA CYS A 19 5.71 -0.15 -1.47
C CYS A 19 6.55 0.10 -2.71
N VAL A 20 6.16 -0.52 -3.82
CA VAL A 20 6.88 -0.35 -5.06
C VAL A 20 6.78 1.09 -5.55
N ARG A 21 5.59 1.66 -5.48
CA ARG A 21 5.39 3.04 -5.91
C ARG A 21 6.36 3.98 -5.20
N ALA A 1 -14.21 7.25 0.03
CA ALA A 1 -14.08 5.89 0.62
C ALA A 1 -13.38 4.97 -0.38
N GLY A 2 -12.53 4.08 0.13
CA GLY A 2 -11.81 3.15 -0.72
C GLY A 2 -10.61 3.83 -1.38
N GLY A 3 -10.25 5.00 -0.87
CA GLY A 3 -9.13 5.76 -1.42
C GLY A 3 -7.82 4.99 -1.24
N DBU A 4 -7.69 4.31 -0.11
CA DBU A 4 -6.54 3.57 0.21
CB DBU A 4 -5.92 2.50 -0.44
CG DBU A 4 -6.45 1.95 -1.75
C DBU A 4 -5.94 4.04 1.50
O DBU A 4 -6.49 4.88 2.22
H DBU A 4 -8.41 4.32 0.55
HB DBU A 4 -5.03 2.08 0.00
HG1 DBU A 4 -7.47 2.29 -1.87
HG2 DBU A 4 -6.43 0.87 -1.73
HG3 DBU A 4 -5.85 2.32 -2.56
N ILE A 5 -4.77 3.48 1.79
CA ILE A 5 -4.05 3.83 3.00
C ILE A 5 -3.14 2.68 3.41
N PRO A 6 -3.64 1.47 3.37
CA PRO A 6 -2.85 0.28 3.76
C PRO A 6 -1.55 0.18 2.99
N DAL A 7 -1.67 0.31 1.67
CA DAL A 7 -0.53 0.22 0.76
CB DAL A 7 0.75 -0.16 1.50
C DAL A 7 -0.35 1.51 -0.02
O DAL A 7 0.74 1.79 -0.53
H DAL A 7 -2.56 0.45 1.29
HA DAL A 7 -0.75 -0.56 0.07
HB1 DAL A 7 0.94 0.55 2.30
HB2 DAL A 7 1.58 -0.14 0.81
N LEU A 8 -1.41 2.29 -0.13
CA LEU A 8 -1.35 3.55 -0.87
C LEU A 8 -0.37 4.50 -0.20
N MET A 9 -0.38 4.46 1.12
CA MET A 9 0.48 5.32 1.90
C MET A 9 1.93 5.17 1.44
N DBB A 10 2.34 3.94 1.20
CA DBB A 10 3.69 3.69 0.72
C DBB A 10 4.57 3.02 1.77
O DBB A 10 5.65 3.49 2.08
CB DBB A 10 3.63 2.81 -0.52
CG DBB A 10 3.16 1.42 -0.09
H DBB A 10 1.73 3.19 1.32
HA DBB A 10 4.15 4.63 0.45
HB2 DBB A 10 2.88 3.21 -1.19
HG1 DBB A 10 2.36 1.52 0.63
HG2 DBB A 10 3.97 0.88 0.36
HG3 DBB A 10 2.79 0.87 -0.95
N GLY A 11 4.08 1.90 2.32
CA GLY A 11 4.85 1.19 3.33
C GLY A 11 4.02 0.08 3.96
N CYS A 12 3.65 -0.91 3.16
CA CYS A 12 2.84 -2.00 3.68
C CYS A 12 2.89 -3.26 2.80
N GLY A 13 2.27 -4.33 3.30
CA GLY A 13 2.22 -5.60 2.58
C GLY A 13 0.89 -5.72 1.85
N TRP A 14 0.43 -4.62 1.29
CA TRP A 14 -0.84 -4.61 0.57
C TRP A 14 -0.81 -5.56 -0.63
N LEU A 15 -0.93 -4.99 -1.82
CA LEU A 15 -0.94 -5.78 -3.04
C LEU A 15 0.43 -5.73 -3.73
N DBU A 16 1.38 -5.03 -3.11
CA DBU A 16 2.68 -4.89 -3.62
CB DBU A 16 3.08 -4.36 -4.86
CG DBU A 16 2.15 -3.81 -5.90
C DBU A 16 3.69 -5.43 -2.64
O DBU A 16 4.41 -6.38 -2.92
H DBU A 16 1.18 -4.58 -2.26
HB DBU A 16 4.14 -4.34 -5.10
HG1 DBU A 16 1.15 -3.77 -5.51
HG2 DBU A 16 2.17 -4.43 -6.78
HG3 DBU A 16 2.47 -2.80 -6.16
N GLY A 17 3.74 -4.81 -1.46
CA GLY A 17 4.67 -5.25 -0.44
C GLY A 17 5.83 -4.27 -0.29
N LEU A 18 5.89 -3.60 0.86
CA LEU A 18 6.94 -2.63 1.12
C LEU A 18 6.96 -1.56 0.03
N CYS A 19 5.85 -0.82 -0.07
CA CYS A 19 5.75 0.23 -1.07
C CYS A 19 6.69 -0.01 -2.24
N VAL A 20 6.18 -0.68 -3.27
CA VAL A 20 6.98 -0.96 -4.45
C VAL A 20 6.34 -0.36 -5.70
N ARG A 21 5.16 0.23 -5.54
CA ARG A 21 4.46 0.83 -6.67
C ARG A 21 5.44 1.25 -7.75
N ALA A 1 -7.32 1.60 5.66
CA ALA A 1 -8.35 0.75 4.99
C ALA A 1 -9.43 1.64 4.40
N GLY A 2 -10.21 1.08 3.48
CA GLY A 2 -11.28 1.83 2.84
C GLY A 2 -10.79 2.49 1.56
N GLY A 3 -9.51 2.34 1.27
CA GLY A 3 -8.93 2.92 0.07
C GLY A 3 -8.03 4.11 0.42
N DBU A 4 -6.77 3.81 0.72
CA DBU A 4 -5.85 4.83 1.05
CB DBU A 4 -5.45 5.93 0.31
CG DBU A 4 -5.94 6.26 -1.08
C DBU A 4 -5.28 4.58 2.43
O DBU A 4 -5.77 5.16 3.40
H DBU A 4 -6.47 2.88 0.72
HB DBU A 4 -4.72 6.62 0.73
HG1 DBU A 4 -6.67 5.53 -1.38
HG2 DBU A 4 -5.12 6.26 -1.76
HG3 DBU A 4 -6.40 7.24 -1.06
N ILE A 5 -4.26 3.74 2.50
CA ILE A 5 -3.62 3.41 3.77
C ILE A 5 -3.04 2.01 3.75
N PRO A 6 -3.77 1.08 3.19
CA PRO A 6 -3.36 -0.35 3.11
C PRO A 6 -2.09 -0.52 2.30
N DAL A 7 -1.66 0.55 1.64
CA DAL A 7 -0.45 0.50 0.82
CB DAL A 7 0.78 0.47 1.72
C DAL A 7 -0.37 1.71 -0.10
O DAL A 7 0.68 2.01 -0.65
H DAL A 7 -2.17 1.39 1.70
HA DAL A 7 -0.47 -0.39 0.22
HB1 DAL A 7 1.39 1.34 1.52
HB2 DAL A 7 1.35 -0.42 1.51
N LEU A 8 -1.47 2.42 -0.25
CA LEU A 8 -1.48 3.59 -1.11
C LEU A 8 -0.50 4.62 -0.56
N MET A 9 -0.35 4.64 0.75
CA MET A 9 0.56 5.57 1.40
C MET A 9 2.01 5.23 1.03
N DBB A 10 2.31 3.94 0.98
CA DBB A 10 3.66 3.47 0.64
C DBB A 10 4.31 2.78 1.82
O DBB A 10 5.54 2.81 1.96
CB DBB A 10 3.59 2.52 -0.55
CG DBB A 10 3.27 1.09 -0.07
H DBB A 10 1.62 3.28 1.18
HA DBB A 10 4.26 4.34 0.36
HB2 DBB A 10 2.79 2.82 -1.20
HG1 DBB A 10 2.21 0.95 -0.04
HG2 DBB A 10 3.69 0.92 0.90
HG3 DBB A 10 3.68 0.38 -0.76
N GLY A 11 3.49 2.16 2.64
CA GLY A 11 4.01 1.45 3.78
C GLY A 11 2.96 0.51 4.38
N CYS A 12 2.81 -0.67 3.77
CA CYS A 12 1.84 -1.65 4.24
C CYS A 12 2.19 -3.05 3.75
N GLY A 13 1.14 -3.87 3.61
CA GLY A 13 1.30 -5.23 3.14
C GLY A 13 0.39 -5.48 1.94
N TRP A 14 -0.29 -4.44 1.49
CA TRP A 14 -1.19 -4.56 0.36
C TRP A 14 -0.55 -5.36 -0.77
N LEU A 15 -1.24 -5.45 -1.90
CA LEU A 15 -0.70 -6.19 -3.05
C LEU A 15 0.82 -6.17 -3.04
N DBU A 16 1.40 -5.04 -2.64
CA DBU A 16 2.80 -4.92 -2.59
CB DBU A 16 3.67 -4.51 -3.60
CG DBU A 16 3.24 -4.11 -4.99
C DBU A 16 3.32 -5.30 -1.23
O DBU A 16 3.51 -6.47 -0.91
H DBU A 16 0.86 -4.28 -2.36
HB DBU A 16 4.73 -4.47 -3.40
HG1 DBU A 16 2.35 -3.50 -4.94
HG2 DBU A 16 3.03 -5.00 -5.58
HG3 DBU A 16 4.03 -3.55 -5.47
N GLY A 17 3.56 -4.28 -0.40
CA GLY A 17 4.06 -4.51 0.95
C GLY A 17 5.25 -3.60 1.25
N LEU A 18 6.21 -3.57 0.33
CA LEU A 18 7.39 -2.74 0.50
C LEU A 18 7.22 -1.40 -0.21
N CYS A 19 6.12 -1.26 -0.94
CA CYS A 19 5.84 -0.02 -1.66
C CYS A 19 6.80 0.14 -2.83
N VAL A 20 6.39 -0.35 -3.99
CA VAL A 20 7.21 -0.25 -5.19
C VAL A 20 6.56 0.69 -6.21
N ARG A 21 5.38 1.20 -5.86
CA ARG A 21 4.67 2.11 -6.76
C ARG A 21 5.47 3.39 -6.97
#